data_3BHJ
#
_entry.id   3BHJ
#
_cell.length_a   54.644
_cell.length_b   55.473
_cell.length_c   95.736
_cell.angle_alpha   90.000
_cell.angle_beta   90.000
_cell.angle_gamma   90.000
#
_symmetry.space_group_name_H-M   'P 21 21 21'
#
loop_
_entity.id
_entity.type
_entity.pdbx_description
1 polymer 'Carbonyl reductase [NADPH] 1'
2 non-polymer 'SULFATE ION'
3 non-polymer 3-(4-AMINO-1-TERT-BUTYL-1H-PYRAZOLO[3,4-D]PYRIMIDIN-3-YL)PHENOL
4 non-polymer 'NADP NICOTINAMIDE-ADENINE-DINUCLEOTIDE PHOSPHATE'
5 non-polymer GLUTATHIONE
6 non-polymer 3,6,9,12,15,18-HEXAOXAICOSANE-1,20-DIOL
7 non-polymer GLYCEROL
8 water water
#
_entity_poly.entity_id   1
_entity_poly.type   'polypeptide(L)'
_entity_poly.pdbx_seq_one_letter_code
;SSGIHVALVTGGNKGIGLAIVRDLCRLFSGDVVLTARDVTRGQAAVQQLQAEGLSPRFHQLDIDDLQSIRALRDFLRKEY
GGLDVLVNNAGIAFKVADPTPFHIQAEVTMKTNFFGTRDVCTELLPLIKPQGRVVNVSSIMSVRALKSCSPELQQKFRSE
TITEEELVGLMNKFVEDTKKGVHQKEGWPSSAYGVTKIGVTVLSRIHARKLSEQRKGDKILLNACCPGWVRTDMAGPKAT
KSPEEGAETPVYLALLPPDAEGPHGQFVSEKRVEQW
;
_entity_poly.pdbx_strand_id   A
#
loop_
_chem_comp.id
_chem_comp.type
_chem_comp.name
_chem_comp.formula
AB3 non-polymer 3-(4-AMINO-1-TERT-BUTYL-1H-PYRAZOLO[3,4-D]PYRIMIDIN-3-YL)PHENOL 'C15 H17 N5 O'
GOL non-polymer GLYCEROL 'C3 H8 O3'
GSH non-polymer GLUTATHIONE 'C10 H17 N3 O6 S'
NAP non-polymer 'NADP NICOTINAMIDE-ADENINE-DINUCLEOTIDE PHOSPHATE' 'C21 H28 N7 O17 P3'
P33 non-polymer 3,6,9,12,15,18-HEXAOXAICOSANE-1,20-DIOL 'C14 H30 O8'
SO4 non-polymer 'SULFATE ION' 'O4 S -2'
#
# COMPACT_ATOMS: atom_id res chain seq x y z
N SER A 2 23.79 9.05 -12.17
CA SER A 2 24.19 8.06 -11.14
C SER A 2 23.85 6.62 -11.56
N GLY A 3 23.79 5.73 -10.57
CA GLY A 3 23.56 4.30 -10.77
C GLY A 3 22.18 3.97 -11.31
N ILE A 4 21.94 2.69 -11.58
CA ILE A 4 20.67 2.23 -12.15
C ILE A 4 19.51 2.48 -11.18
N HIS A 5 18.40 3.02 -11.69
CA HIS A 5 17.22 3.27 -10.87
C HIS A 5 16.44 1.96 -10.69
N VAL A 6 15.68 1.86 -9.59
CA VAL A 6 14.94 0.63 -9.32
C VAL A 6 13.57 0.93 -8.73
N ALA A 7 12.57 0.22 -9.23
CA ALA A 7 11.18 0.29 -8.77
C ALA A 7 10.76 -1.07 -8.24
N LEU A 8 9.92 -1.08 -7.21
CA LEU A 8 9.51 -2.37 -6.62
C LEU A 8 8.02 -2.35 -6.30
N VAL A 9 7.34 -3.47 -6.58
CA VAL A 9 5.91 -3.60 -6.26
C VAL A 9 5.69 -4.78 -5.32
N THR A 10 4.96 -4.56 -4.23
CA THR A 10 4.56 -5.63 -3.33
C THR A 10 3.26 -6.28 -3.82
N GLY A 11 3.11 -7.58 -3.55
CA GLY A 11 1.94 -8.32 -4.03
C GLY A 11 1.84 -8.21 -5.54
N GLY A 12 2.93 -8.56 -6.24
CA GLY A 12 3.04 -8.31 -7.67
C GLY A 12 2.69 -9.50 -8.57
N ASN A 13 2.29 -10.61 -7.99
CA ASN A 13 2.12 -11.83 -8.80
C ASN A 13 0.77 -11.94 -9.52
N LYS A 14 -0.20 -11.13 -9.12
CA LYS A 14 -1.53 -11.18 -9.73
C LYS A 14 -2.26 -9.86 -9.49
N GLY A 15 -3.46 -9.75 -10.06
CA GLY A 15 -4.35 -8.60 -9.79
C GLY A 15 -3.71 -7.27 -10.19
N ILE A 16 -4.03 -6.24 -9.42
CA ILE A 16 -3.56 -4.89 -9.70
C ILE A 16 -2.03 -4.82 -9.66
N GLY A 17 -1.42 -5.49 -8.69
CA GLY A 17 0.05 -5.52 -8.54
C GLY A 17 0.77 -5.95 -9.82
N LEU A 18 0.28 -7.03 -10.42
CA LEU A 18 0.86 -7.52 -11.67
C LEU A 18 0.75 -6.49 -12.80
N ALA A 19 -0.42 -5.87 -12.91
CA ALA A 19 -0.65 -4.84 -13.92
C ALA A 19 0.27 -3.63 -13.70
N ILE A 20 0.48 -3.26 -12.43
CA ILE A 20 1.41 -2.18 -12.10
C ILE A 20 2.82 -2.57 -12.55
N VAL A 21 3.27 -3.78 -12.20
CA VAL A 21 4.59 -4.25 -12.64
C VAL A 21 4.76 -4.14 -14.16
N ARG A 22 3.76 -4.63 -14.89
CA ARG A 22 3.78 -4.63 -16.35
C ARG A 22 3.98 -3.21 -16.88
N ASP A 23 3.21 -2.28 -16.34
CA ASP A 23 3.32 -0.90 -16.77
C ASP A 23 4.64 -0.25 -16.41
N LEU A 24 5.15 -0.52 -15.21
CA LEU A 24 6.48 -0.01 -14.85
C LEU A 24 7.57 -0.62 -15.75
N CYS A 25 7.45 -1.90 -16.12
CA CYS A 25 8.41 -2.49 -17.07
C CYS A 25 8.50 -1.65 -18.34
N ARG A 26 7.35 -1.17 -18.82
CA ARG A 26 7.35 -0.36 -20.05
C ARG A 26 7.69 1.11 -19.85
N LEU A 27 7.42 1.65 -18.67
CA LEU A 27 7.45 3.11 -18.48
C LEU A 27 8.51 3.62 -17.50
N PHE A 28 8.98 2.76 -16.59
CA PHE A 28 10.01 3.16 -15.61
C PHE A 28 11.41 3.03 -16.19
N SER A 29 12.20 4.11 -16.06
CA SER A 29 13.57 4.16 -16.60
C SER A 29 14.54 3.50 -15.62
N GLY A 30 14.58 2.17 -15.63
CA GLY A 30 15.38 1.41 -14.69
C GLY A 30 14.85 0.00 -14.52
N ASP A 31 15.34 -0.69 -13.49
CA ASP A 31 14.94 -2.07 -13.22
C ASP A 31 13.63 -2.06 -12.47
N VAL A 32 12.83 -3.09 -12.68
CA VAL A 32 11.53 -3.24 -12.01
C VAL A 32 11.53 -4.62 -11.35
N VAL A 33 11.31 -4.61 -10.03
CA VAL A 33 11.30 -5.84 -9.25
C VAL A 33 9.88 -6.22 -8.91
N LEU A 34 9.44 -7.36 -9.44
CA LEU A 34 8.19 -7.98 -9.05
C LEU A 34 8.48 -8.75 -7.77
N THR A 35 7.70 -8.51 -6.71
CA THR A 35 7.82 -9.31 -5.49
C THR A 35 6.54 -10.10 -5.23
N ALA A 36 6.69 -11.22 -4.54
CA ALA A 36 5.57 -12.07 -4.20
C ALA A 36 5.92 -12.90 -2.97
N ARG A 37 4.92 -13.24 -2.17
CA ARG A 37 5.19 -14.03 -0.96
C ARG A 37 5.45 -15.48 -1.31
N ASP A 38 4.76 -15.95 -2.35
CA ASP A 38 4.92 -17.32 -2.84
C ASP A 38 5.91 -17.29 -4.00
N VAL A 39 7.07 -17.91 -3.82
CA VAL A 39 8.12 -17.88 -4.84
C VAL A 39 7.70 -18.47 -6.19
N THR A 40 6.90 -19.52 -6.16
CA THR A 40 6.37 -20.19 -7.34
CA THR A 40 6.46 -20.13 -7.41
C THR A 40 5.45 -19.27 -8.15
N ARG A 41 4.53 -18.62 -7.42
CA ARG A 41 3.57 -17.71 -8.05
C ARG A 41 4.31 -16.49 -8.60
N GLY A 42 5.29 -16.00 -7.87
CA GLY A 42 6.08 -14.87 -8.33
C GLY A 42 6.86 -15.20 -9.60
N GLN A 43 7.54 -16.34 -9.59
CA GLN A 43 8.30 -16.75 -10.78
CA GLN A 43 8.30 -16.81 -10.77
C GLN A 43 7.40 -17.00 -12.00
N ALA A 44 6.22 -17.58 -11.77
CA ALA A 44 5.24 -17.79 -12.83
C ALA A 44 4.83 -16.44 -13.43
N ALA A 45 4.65 -15.44 -12.58
CA ALA A 45 4.25 -14.10 -13.06
C ALA A 45 5.35 -13.48 -13.90
N VAL A 46 6.60 -13.59 -13.42
CA VAL A 46 7.76 -13.12 -14.19
C VAL A 46 7.80 -13.79 -15.57
N GLN A 47 7.60 -15.11 -15.62
CA GLN A 47 7.56 -15.83 -16.89
CA GLN A 47 7.57 -15.82 -16.90
C GLN A 47 6.47 -15.30 -17.82
N GLN A 48 5.30 -15.03 -17.26
CA GLN A 48 4.17 -14.44 -18.00
C GLN A 48 4.59 -13.11 -18.64
N LEU A 49 5.27 -12.26 -17.87
CA LEU A 49 5.71 -10.98 -18.41
C LEU A 49 6.85 -11.13 -19.42
N GLN A 50 7.71 -12.13 -19.21
CA GLN A 50 8.78 -12.40 -20.17
C GLN A 50 8.19 -12.82 -21.52
N ALA A 51 7.15 -13.63 -21.48
CA ALA A 51 6.45 -14.03 -22.72
C ALA A 51 5.81 -12.83 -23.45
N GLU A 52 5.55 -11.76 -22.70
CA GLU A 52 5.05 -10.50 -23.28
C GLU A 52 6.19 -9.60 -23.78
N GLY A 53 7.43 -10.02 -23.60
CA GLY A 53 8.60 -9.28 -24.07
C GLY A 53 9.25 -8.37 -23.02
N LEU A 54 8.86 -8.57 -21.76
CA LEU A 54 9.32 -7.71 -20.67
C LEU A 54 10.36 -8.42 -19.80
N SER A 55 11.10 -7.63 -19.01
CA SER A 55 12.23 -8.15 -18.24
C SER A 55 12.22 -7.75 -16.74
N PRO A 56 11.12 -8.06 -16.02
CA PRO A 56 11.14 -7.74 -14.58
C PRO A 56 12.11 -8.64 -13.82
N ARG A 57 12.70 -8.09 -12.77
CA ARG A 57 13.46 -8.89 -11.82
C ARG A 57 12.45 -9.49 -10.83
N PHE A 58 12.90 -10.48 -10.05
CA PHE A 58 12.08 -11.06 -9.00
C PHE A 58 12.80 -11.05 -7.65
N HIS A 59 12.06 -10.74 -6.60
CA HIS A 59 12.54 -11.04 -5.26
C HIS A 59 11.35 -11.44 -4.38
N GLN A 60 11.54 -12.46 -3.56
CA GLN A 60 10.47 -12.88 -2.63
C GLN A 60 10.19 -11.79 -1.58
N LEU A 61 8.93 -11.64 -1.22
CA LEU A 61 8.55 -10.75 -0.12
C LEU A 61 7.18 -11.12 0.43
N ASP A 62 7.14 -11.45 1.70
CA ASP A 62 5.89 -11.58 2.42
C ASP A 62 5.92 -10.46 3.44
N ILE A 63 4.97 -9.52 3.32
CA ILE A 63 5.01 -8.32 4.19
C ILE A 63 4.66 -8.62 5.65
N ASP A 64 4.21 -9.85 5.90
CA ASP A 64 3.93 -10.30 7.28
C ASP A 64 5.06 -11.09 7.91
N ASP A 65 6.17 -11.24 7.19
CA ASP A 65 7.35 -11.91 7.72
C ASP A 65 8.51 -10.91 7.78
N LEU A 66 8.84 -10.46 8.99
CA LEU A 66 9.86 -9.42 9.16
C LEU A 66 11.22 -9.82 8.57
N GLN A 67 11.55 -11.11 8.63
CA GLN A 67 12.79 -11.61 8.06
C GLN A 67 12.82 -11.50 6.53
N SER A 68 11.66 -11.71 5.90
CA SER A 68 11.51 -11.54 4.45
C SER A 68 11.69 -10.07 4.05
N ILE A 69 11.09 -9.17 4.81
CA ILE A 69 11.25 -7.74 4.55
C ILE A 69 12.72 -7.34 4.67
N ARG A 70 13.36 -7.78 5.75
CA ARG A 70 14.79 -7.49 5.99
C ARG A 70 15.73 -8.04 4.92
N ALA A 71 15.47 -9.27 4.44
CA ALA A 71 16.25 -9.83 3.34
C ALA A 71 16.11 -8.96 2.07
N LEU A 72 14.90 -8.48 1.79
CA LEU A 72 14.68 -7.59 0.64
C LEU A 72 15.41 -6.25 0.81
N ARG A 73 15.33 -5.68 2.02
CA ARG A 73 16.07 -4.47 2.38
C ARG A 73 17.57 -4.63 2.05
N ASP A 74 18.15 -5.75 2.52
CA ASP A 74 19.59 -6.01 2.33
C ASP A 74 19.95 -6.15 0.85
N PHE A 75 19.09 -6.85 0.11
CA PHE A 75 19.23 -7.01 -1.35
C PHE A 75 19.26 -5.65 -2.04
N LEU A 76 18.32 -4.78 -1.70
CA LEU A 76 18.24 -3.46 -2.35
C LEU A 76 19.46 -2.62 -2.02
N ARG A 77 19.87 -2.65 -0.75
CA ARG A 77 21.08 -1.92 -0.35
C ARG A 77 22.29 -2.41 -1.13
N LYS A 78 22.45 -3.73 -1.21
CA LYS A 78 23.61 -4.34 -1.86
C LYS A 78 23.64 -4.08 -3.36
N GLU A 79 22.52 -4.32 -4.03
CA GLU A 79 22.50 -4.30 -5.49
C GLU A 79 22.30 -2.91 -6.07
N TYR A 80 21.57 -2.05 -5.36
CA TYR A 80 21.21 -0.72 -5.92
C TYR A 80 21.62 0.45 -5.05
N GLY A 81 21.94 0.19 -3.79
CA GLY A 81 22.29 1.26 -2.85
C GLY A 81 21.07 2.03 -2.35
N GLY A 82 19.90 1.45 -2.53
CA GLY A 82 18.65 2.10 -2.14
C GLY A 82 17.52 1.71 -3.06
N LEU A 83 16.52 2.59 -3.17
CA LEU A 83 15.28 2.29 -3.89
C LEU A 83 14.71 3.59 -4.40
N ASP A 84 14.18 3.57 -5.62
CA ASP A 84 13.62 4.78 -6.20
C ASP A 84 12.09 4.86 -6.15
N VAL A 85 11.43 3.76 -6.48
CA VAL A 85 9.96 3.69 -6.44
C VAL A 85 9.51 2.48 -5.61
N LEU A 86 8.60 2.73 -4.66
CA LEU A 86 8.01 1.66 -3.86
C LEU A 86 6.50 1.75 -4.01
N VAL A 87 5.89 0.64 -4.45
CA VAL A 87 4.42 0.54 -4.51
C VAL A 87 3.95 -0.49 -3.50
N ASN A 88 3.36 -0.01 -2.41
CA ASN A 88 2.78 -0.89 -1.38
C ASN A 88 1.38 -1.31 -1.85
N ASN A 89 1.34 -2.37 -2.64
CA ASN A 89 0.10 -2.85 -3.23
C ASN A 89 -0.52 -4.03 -2.46
N ALA A 90 0.32 -4.86 -1.83
CA ALA A 90 -0.18 -6.07 -1.16
C ALA A 90 -1.31 -5.76 -0.19
N GLY A 91 -2.35 -6.58 -0.21
CA GLY A 91 -3.49 -6.38 0.68
C GLY A 91 -4.41 -7.59 0.60
N ILE A 92 -5.22 -7.76 1.63
CA ILE A 92 -6.21 -8.85 1.70
C ILE A 92 -7.57 -8.31 2.18
N ALA A 93 -8.61 -9.10 1.96
CA ALA A 93 -9.97 -8.78 2.42
C ALA A 93 -10.74 -10.08 2.56
N PHE A 94 -11.46 -10.25 3.66
CA PHE A 94 -12.39 -11.36 3.77
C PHE A 94 -13.58 -11.09 2.88
N LYS A 95 -14.15 -12.15 2.31
CA LYS A 95 -15.34 -12.02 1.45
C LYS A 95 -16.51 -11.54 2.28
N VAL A 96 -17.39 -10.75 1.66
CA VAL A 96 -18.61 -10.22 2.29
C VAL A 96 -19.43 -11.34 2.97
N ALA A 97 -19.44 -12.52 2.36
CA ALA A 97 -20.19 -13.67 2.91
C ALA A 97 -19.46 -14.56 3.93
N ASP A 98 -18.19 -14.26 4.24
CA ASP A 98 -17.38 -15.06 5.17
C ASP A 98 -17.95 -15.09 6.60
N PRO A 99 -18.24 -16.30 7.12
CA PRO A 99 -18.75 -16.38 8.49
C PRO A 99 -17.69 -16.35 9.58
N THR A 100 -16.42 -16.13 9.18
CA THR A 100 -15.32 -15.99 10.14
C THR A 100 -15.73 -14.92 11.17
N PRO A 101 -15.59 -15.24 12.47
CA PRO A 101 -15.96 -14.26 13.49
C PRO A 101 -15.27 -12.92 13.22
N PHE A 102 -16.01 -11.84 13.45
CA PHE A 102 -15.53 -10.51 13.08
C PHE A 102 -14.17 -10.16 13.70
N HIS A 103 -13.97 -10.54 14.96
CA HIS A 103 -12.71 -10.19 15.66
C HIS A 103 -11.48 -10.84 15.01
N ILE A 104 -11.67 -12.02 14.43
CA ILE A 104 -10.62 -12.67 13.65
C ILE A 104 -10.43 -11.94 12.32
N GLN A 105 -11.54 -11.59 11.66
CA GLN A 105 -11.47 -10.78 10.44
C GLN A 105 -10.67 -9.51 10.71
N ALA A 106 -10.95 -8.86 11.84
CA ALA A 106 -10.28 -7.61 12.18
C ALA A 106 -8.78 -7.83 12.41
N GLU A 107 -8.43 -8.80 13.24
CA GLU A 107 -7.01 -9.05 13.55
C GLU A 107 -6.24 -9.41 12.27
N VAL A 108 -6.80 -10.32 11.47
CA VAL A 108 -6.08 -10.85 10.30
C VAL A 108 -5.93 -9.81 9.20
N THR A 109 -7.00 -9.07 8.94
CA THR A 109 -6.96 -8.03 7.89
C THR A 109 -5.99 -6.93 8.31
N MET A 110 -6.07 -6.51 9.58
CA MET A 110 -5.20 -5.46 10.11
C MET A 110 -3.71 -5.87 10.07
N LYS A 111 -3.45 -7.13 10.43
CA LYS A 111 -2.09 -7.66 10.40
C LYS A 111 -1.38 -7.42 9.07
N THR A 112 -2.05 -7.72 7.96
CA THR A 112 -1.44 -7.52 6.66
C THR A 112 -1.55 -6.07 6.18
N ASN A 113 -2.78 -5.57 6.04
CA ASN A 113 -3.02 -4.29 5.37
C ASN A 113 -2.38 -3.12 6.10
N PHE A 114 -2.43 -3.13 7.43
CA PHE A 114 -1.80 -2.05 8.17
C PHE A 114 -0.39 -2.39 8.66
N PHE A 115 -0.28 -3.41 9.50
CA PHE A 115 1.04 -3.71 10.10
C PHE A 115 2.10 -4.20 9.12
N GLY A 116 1.69 -5.02 8.15
CA GLY A 116 2.58 -5.48 7.09
C GLY A 116 3.10 -4.30 6.27
N THR A 117 2.16 -3.47 5.81
CA THR A 117 2.50 -2.28 5.04
C THR A 117 3.44 -1.37 5.84
N ARG A 118 3.10 -1.16 7.12
CA ARG A 118 3.92 -0.34 8.00
C ARG A 118 5.36 -0.88 8.11
N ASP A 119 5.47 -2.19 8.35
CA ASP A 119 6.78 -2.86 8.47
C ASP A 119 7.62 -2.71 7.20
N VAL A 120 6.98 -2.86 6.05
CA VAL A 120 7.70 -2.61 4.78
C VAL A 120 8.24 -1.18 4.76
N CYS A 121 7.41 -0.21 5.16
CA CYS A 121 7.82 1.20 5.18
C CYS A 121 8.95 1.46 6.18
N THR A 122 8.88 0.81 7.34
CA THR A 122 9.93 0.98 8.34
C THR A 122 11.31 0.61 7.80
N GLU A 123 11.37 -0.50 7.05
CA GLU A 123 12.61 -1.01 6.50
C GLU A 123 13.02 -0.35 5.20
N LEU A 124 12.04 0.04 4.38
CA LEU A 124 12.34 0.53 3.02
C LEU A 124 12.31 2.03 2.80
N LEU A 125 11.50 2.76 3.57
CA LEU A 125 11.52 4.23 3.43
C LEU A 125 12.91 4.84 3.63
N PRO A 126 13.71 4.33 4.60
CA PRO A 126 15.08 4.85 4.75
C PRO A 126 15.97 4.67 3.53
N LEU A 127 15.57 3.79 2.61
CA LEU A 127 16.35 3.51 1.40
C LEU A 127 15.95 4.39 0.22
N ILE A 128 14.83 5.10 0.33
CA ILE A 128 14.32 5.88 -0.80
C ILE A 128 15.29 7.00 -1.15
N LYS A 129 15.61 7.12 -2.44
CA LYS A 129 16.57 8.08 -2.96
C LYS A 129 15.86 9.38 -3.33
N PRO A 130 16.60 10.51 -3.39
CA PRO A 130 15.98 11.74 -3.87
C PRO A 130 15.29 11.54 -5.22
N GLN A 131 14.19 12.26 -5.42
CA GLN A 131 13.32 12.14 -6.60
C GLN A 131 12.53 10.83 -6.63
N GLY A 132 12.58 10.10 -5.51
CA GLY A 132 11.84 8.86 -5.38
C GLY A 132 10.35 9.09 -5.22
N ARG A 133 9.56 8.04 -5.45
CA ARG A 133 8.12 8.11 -5.25
C ARG A 133 7.63 6.89 -4.49
N VAL A 134 6.70 7.10 -3.59
CA VAL A 134 6.10 5.99 -2.84
C VAL A 134 4.60 6.06 -3.06
N VAL A 135 4.00 4.89 -3.34
CA VAL A 135 2.58 4.81 -3.63
C VAL A 135 1.99 3.71 -2.74
N ASN A 136 1.06 4.10 -1.87
CA ASN A 136 0.40 3.16 -0.98
C ASN A 136 -1.00 2.92 -1.49
N VAL A 137 -1.30 1.67 -1.80
CA VAL A 137 -2.61 1.33 -2.37
C VAL A 137 -3.57 1.14 -1.20
N SER A 138 -4.41 2.14 -0.98
CA SER A 138 -5.43 2.11 0.07
C SER A 138 -6.73 1.69 -0.61
N SER A 139 -7.81 2.41 -0.36
CA SER A 139 -9.13 2.15 -0.95
C SER A 139 -10.04 3.31 -0.64
N ILE A 140 -10.95 3.61 -1.57
CA ILE A 140 -12.05 4.52 -1.31
C ILE A 140 -12.87 4.05 -0.10
N MET A 141 -12.79 2.76 0.22
CA MET A 141 -13.43 2.24 1.43
C MET A 141 -12.91 2.90 2.71
N SER A 142 -11.69 3.46 2.65
CA SER A 142 -11.14 4.19 3.78
C SER A 142 -11.91 5.50 4.02
N VAL A 143 -12.28 6.18 2.94
CA VAL A 143 -13.11 7.40 3.02
C VAL A 143 -14.52 7.06 3.52
N ARG A 144 -15.07 5.97 3.01
CA ARG A 144 -16.38 5.45 3.43
C ARG A 144 -16.37 5.08 4.91
N ALA A 145 -15.33 4.35 5.34
CA ALA A 145 -15.19 3.93 6.73
C ALA A 145 -15.00 5.13 7.67
N LEU A 146 -14.24 6.12 7.24
CA LEU A 146 -14.03 7.34 8.05
C LEU A 146 -15.35 8.00 8.45
N LYS A 147 -16.29 8.02 7.50
CA LYS A 147 -17.60 8.65 7.71
C LYS A 147 -18.40 7.95 8.81
N SER A 148 -18.15 6.65 8.99
CA SER A 148 -18.86 5.85 9.99
C SER A 148 -18.16 5.78 11.35
N CYS A 149 -17.00 6.45 11.47
CA CYS A 149 -16.36 6.58 12.77
C CYS A 149 -17.04 7.66 13.60
N SER A 150 -16.94 7.55 14.93
CA SER A 150 -17.38 8.61 15.83
C SER A 150 -16.69 9.91 15.44
N PRO A 151 -17.32 11.06 15.74
CA PRO A 151 -16.68 12.35 15.55
C PRO A 151 -15.28 12.46 16.19
N GLU A 152 -15.12 11.87 17.38
CA GLU A 152 -13.84 11.87 18.09
CA GLU A 152 -13.84 11.85 18.11
CA GLU A 152 -13.83 11.92 18.06
C GLU A 152 -12.76 11.16 17.27
N LEU A 153 -13.11 10.01 16.73
CA LEU A 153 -12.15 9.24 15.92
C LEU A 153 -11.87 9.91 14.58
N GLN A 154 -12.92 10.44 13.94
CA GLN A 154 -12.71 11.23 12.71
C GLN A 154 -11.71 12.36 12.92
N GLN A 155 -11.82 13.08 14.05
CA GLN A 155 -10.91 14.17 14.35
C GLN A 155 -9.47 13.66 14.45
N LYS A 156 -9.27 12.54 15.15
CA LYS A 156 -7.93 11.94 15.29
C LYS A 156 -7.37 11.52 13.94
N PHE A 157 -8.22 10.89 13.12
CA PHE A 157 -7.76 10.41 11.81
C PHE A 157 -7.51 11.53 10.80
N ARG A 158 -8.14 12.69 10.98
CA ARG A 158 -7.91 13.83 10.11
C ARG A 158 -6.77 14.72 10.60
N SER A 159 -6.25 14.41 11.79
CA SER A 159 -5.28 15.30 12.42
C SER A 159 -4.01 15.48 11.60
N GLU A 160 -3.50 16.71 11.60
CA GLU A 160 -2.24 17.02 10.93
C GLU A 160 -1.03 16.82 11.85
N THR A 161 -1.28 16.41 13.09
CA THR A 161 -0.20 16.26 14.08
C THR A 161 -0.08 14.82 14.64
N ILE A 162 -1.00 13.95 14.24
CA ILE A 162 -0.97 12.56 14.68
C ILE A 162 0.38 11.89 14.32
N THR A 163 0.90 11.07 15.24
CA THR A 163 2.18 10.39 15.02
C THR A 163 1.92 8.95 14.60
N GLU A 164 2.92 8.32 13.99
CA GLU A 164 2.78 6.92 13.57
C GLU A 164 2.44 6.05 14.78
N GLU A 165 3.10 6.30 15.91
CA GLU A 165 2.87 5.51 17.12
C GLU A 165 1.45 5.72 17.66
N GLU A 166 0.91 6.93 17.56
CA GLU A 166 -0.50 7.14 17.94
C GLU A 166 -1.44 6.33 17.07
N LEU A 167 -1.14 6.30 15.76
CA LEU A 167 -1.97 5.58 14.81
C LEU A 167 -1.91 4.07 15.08
N VAL A 168 -0.71 3.56 15.37
CA VAL A 168 -0.53 2.14 15.72
C VAL A 168 -1.42 1.76 16.90
N GLY A 169 -1.42 2.61 17.92
CA GLY A 169 -2.30 2.44 19.10
C GLY A 169 -3.76 2.33 18.72
N LEU A 170 -4.22 3.23 17.86
CA LEU A 170 -5.60 3.25 17.39
C LEU A 170 -5.98 2.01 16.58
N MET A 171 -5.09 1.58 15.70
CA MET A 171 -5.35 0.39 14.88
C MET A 171 -5.45 -0.86 15.75
N ASN A 172 -4.51 -0.99 16.69
CA ASN A 172 -4.56 -2.11 17.62
C ASN A 172 -5.79 -2.01 18.54
N LYS A 173 -6.22 -0.79 18.84
CA LYS A 173 -7.42 -0.56 19.67
C LYS A 173 -8.65 -1.09 18.94
N PHE A 174 -8.76 -0.82 17.63
CA PHE A 174 -9.88 -1.36 16.87
C PHE A 174 -9.91 -2.87 17.03
N VAL A 175 -8.77 -3.51 16.80
CA VAL A 175 -8.70 -4.98 16.85
C VAL A 175 -9.09 -5.51 18.23
N GLU A 176 -8.50 -4.92 19.26
CA GLU A 176 -8.82 -5.32 20.63
C GLU A 176 -10.29 -5.06 20.98
N ASP A 177 -10.84 -3.95 20.50
CA ASP A 177 -12.25 -3.63 20.78
C ASP A 177 -13.18 -4.68 20.16
N THR A 178 -12.84 -5.18 18.98
CA THR A 178 -13.67 -6.23 18.37
C THR A 178 -13.65 -7.49 19.22
N LYS A 179 -12.49 -7.79 19.79
CA LYS A 179 -12.30 -8.97 20.63
C LYS A 179 -13.14 -8.88 21.90
N LYS A 180 -13.31 -7.65 22.40
CA LYS A 180 -14.04 -7.39 23.65
C LYS A 180 -15.53 -7.19 23.44
N GLY A 181 -15.94 -7.14 22.17
CA GLY A 181 -17.34 -6.99 21.79
C GLY A 181 -17.83 -5.57 21.97
N VAL A 182 -16.92 -4.60 21.87
CA VAL A 182 -17.20 -3.21 22.16
CA VAL A 182 -17.25 -3.20 22.14
C VAL A 182 -16.87 -2.26 21.00
N HIS A 183 -16.55 -2.80 19.81
CA HIS A 183 -16.10 -1.87 18.75
C HIS A 183 -17.12 -0.78 18.37
N GLN A 184 -18.39 -1.14 18.30
CA GLN A 184 -19.43 -0.15 17.95
C GLN A 184 -19.56 0.92 19.04
N LYS A 185 -19.63 0.48 20.30
CA LYS A 185 -19.73 1.38 21.44
C LYS A 185 -18.57 2.35 21.49
N GLU A 186 -17.39 1.88 21.05
CA GLU A 186 -16.17 2.67 21.06
C GLU A 186 -15.99 3.57 19.83
N GLY A 187 -16.99 3.56 18.93
CA GLY A 187 -17.07 4.50 17.80
C GLY A 187 -16.53 3.99 16.48
N TRP A 188 -16.27 2.69 16.39
CA TRP A 188 -15.68 2.11 15.19
C TRP A 188 -16.75 1.73 14.18
N PRO A 189 -16.39 1.78 12.88
CA PRO A 189 -17.29 1.29 11.83
C PRO A 189 -17.33 -0.25 11.80
N SER A 190 -18.23 -0.79 10.99
CA SER A 190 -18.49 -2.23 10.91
C SER A 190 -17.64 -2.99 9.88
N SER A 191 -16.87 -2.26 9.07
CA SER A 191 -15.98 -2.87 8.07
C SER A 191 -14.55 -2.91 8.59
N ALA A 192 -14.07 -4.11 8.87
CA ALA A 192 -12.68 -4.31 9.31
C ALA A 192 -11.73 -3.84 8.20
N TYR A 193 -11.96 -4.32 6.98
CA TYR A 193 -11.16 -3.90 5.84
C TYR A 193 -11.12 -2.36 5.74
N GLY A 194 -12.27 -1.72 5.87
CA GLY A 194 -12.33 -0.26 5.77
C GLY A 194 -11.43 0.42 6.81
N VAL A 195 -11.47 -0.08 8.05
CA VAL A 195 -10.61 0.50 9.10
C VAL A 195 -9.12 0.29 8.78
N THR A 196 -8.76 -0.87 8.24
CA THR A 196 -7.34 -1.12 7.91
C THR A 196 -6.88 -0.11 6.86
N LYS A 197 -7.79 0.25 5.96
CA LYS A 197 -7.47 1.21 4.89
C LYS A 197 -7.48 2.66 5.40
N ILE A 198 -8.29 2.95 6.42
CA ILE A 198 -8.06 4.22 7.16
C ILE A 198 -6.61 4.24 7.63
N GLY A 199 -6.17 3.11 8.18
CA GLY A 199 -4.77 2.98 8.67
C GLY A 199 -3.78 3.31 7.57
N VAL A 200 -3.98 2.71 6.39
CA VAL A 200 -3.07 2.95 5.25
C VAL A 200 -3.08 4.42 4.83
N THR A 201 -4.28 5.01 4.73
CA THR A 201 -4.41 6.42 4.33
C THR A 201 -3.73 7.37 5.32
N VAL A 202 -4.03 7.21 6.60
CA VAL A 202 -3.43 8.09 7.62
C VAL A 202 -1.91 7.86 7.72
N LEU A 203 -1.46 6.60 7.59
CA LEU A 203 -0.02 6.33 7.58
C LEU A 203 0.67 7.12 6.47
N SER A 204 0.01 7.15 5.30
CA SER A 204 0.51 7.89 4.15
C SER A 204 0.68 9.37 4.48
N ARG A 205 -0.35 9.95 5.10
CA ARG A 205 -0.35 11.35 5.52
C ARG A 205 0.79 11.65 6.49
N ILE A 206 0.98 10.77 7.48
CA ILE A 206 2.05 10.93 8.46
C ILE A 206 3.43 10.82 7.80
N HIS A 207 3.61 9.80 6.97
CA HIS A 207 4.90 9.62 6.28
C HIS A 207 5.23 10.75 5.32
N ALA A 208 4.23 11.31 4.65
CA ALA A 208 4.46 12.48 3.77
C ALA A 208 4.96 13.66 4.59
N ARG A 209 4.31 13.89 5.73
CA ARG A 209 4.70 14.96 6.66
C ARG A 209 6.15 14.79 7.09
N LYS A 210 6.50 13.56 7.49
CA LYS A 210 7.86 13.30 7.97
C LYS A 210 8.89 13.47 6.85
N LEU A 211 8.52 13.11 5.63
CA LEU A 211 9.40 13.34 4.49
C LEU A 211 9.64 14.83 4.26
N SER A 212 8.58 15.64 4.37
CA SER A 212 8.68 17.08 4.12
C SER A 212 9.51 17.76 5.22
N GLU A 213 9.28 17.31 6.46
CA GLU A 213 10.00 17.83 7.64
C GLU A 213 11.48 17.38 7.71
N GLN A 214 11.75 16.12 7.38
CA GLN A 214 13.09 15.53 7.58
C GLN A 214 13.94 15.40 6.33
N ARG A 215 13.32 15.47 5.15
CA ARG A 215 14.06 15.32 3.89
C ARG A 215 13.71 16.39 2.88
N LYS A 216 13.61 17.63 3.36
CA LYS A 216 13.42 18.79 2.52
C LYS A 216 14.54 18.85 1.48
N GLY A 217 14.18 19.19 0.26
CA GLY A 217 15.15 19.30 -0.82
C GLY A 217 15.33 17.99 -1.58
N ASP A 218 14.84 16.88 -1.00
CA ASP A 218 15.04 15.57 -1.64
C ASP A 218 14.01 15.21 -2.73
N LYS A 219 12.97 16.05 -2.88
CA LYS A 219 11.99 15.93 -3.98
C LYS A 219 11.22 14.60 -3.99
N ILE A 220 11.01 14.02 -2.81
CA ILE A 220 10.29 12.74 -2.70
C ILE A 220 8.79 13.00 -2.57
N LEU A 221 7.99 12.24 -3.32
CA LEU A 221 6.53 12.38 -3.25
C LEU A 221 5.92 11.04 -2.80
N LEU A 222 5.00 11.11 -1.85
CA LEU A 222 4.41 9.91 -1.28
C LEU A 222 2.91 10.15 -1.19
N ASN A 223 2.12 9.21 -1.73
CA ASN A 223 0.66 9.34 -1.71
C ASN A 223 -0.05 8.02 -1.49
N ALA A 224 -1.28 8.13 -0.99
CA ALA A 224 -2.20 7.00 -0.94
C ALA A 224 -3.12 7.09 -2.14
N CYS A 225 -3.68 5.96 -2.56
CA CYS A 225 -4.62 5.99 -3.68
C CYS A 225 -5.67 4.89 -3.61
N CYS A 226 -6.70 5.04 -4.46
CA CYS A 226 -7.62 3.95 -4.74
C CYS A 226 -7.53 3.67 -6.23
N PRO A 227 -7.38 2.40 -6.61
CA PRO A 227 -7.31 1.99 -8.01
C PRO A 227 -8.67 1.95 -8.69
N GLY A 228 -9.74 2.17 -7.93
CA GLY A 228 -11.10 1.98 -8.43
C GLY A 228 -11.52 0.53 -8.25
N TRP A 229 -12.66 0.16 -8.81
CA TRP A 229 -13.23 -1.17 -8.59
C TRP A 229 -12.77 -2.11 -9.70
N VAL A 230 -11.88 -3.04 -9.35
CA VAL A 230 -11.08 -3.80 -10.33
C VAL A 230 -11.31 -5.31 -10.27
N ARG A 231 -11.51 -5.93 -11.44
CA ARG A 231 -11.72 -7.38 -11.52
C ARG A 231 -10.45 -8.13 -11.13
N THR A 232 -10.43 -8.60 -9.88
CA THR A 232 -9.32 -9.37 -9.34
C THR A 232 -9.89 -10.48 -8.46
N ASP A 233 -9.00 -11.33 -7.92
CA ASP A 233 -9.43 -12.33 -6.95
C ASP A 233 -10.04 -11.74 -5.68
N MET A 234 -9.67 -10.50 -5.35
CA MET A 234 -10.32 -9.79 -4.24
C MET A 234 -11.76 -9.35 -4.54
N ALA A 235 -11.94 -8.50 -5.56
CA ALA A 235 -13.27 -7.90 -5.81
C ALA A 235 -14.21 -8.82 -6.57
N GLY A 236 -13.64 -9.79 -7.27
CA GLY A 236 -14.42 -10.72 -8.07
C GLY A 236 -14.67 -10.23 -9.49
N PRO A 237 -15.35 -11.06 -10.29
CA PRO A 237 -15.47 -10.85 -11.74
C PRO A 237 -16.51 -9.79 -12.16
N LYS A 238 -17.33 -9.33 -11.23
CA LYS A 238 -18.40 -8.34 -11.54
C LYS A 238 -17.90 -6.90 -11.55
N ALA A 239 -16.65 -6.69 -11.10
CA ALA A 239 -16.10 -5.33 -11.01
C ALA A 239 -15.96 -4.63 -12.37
N THR A 240 -15.87 -3.30 -12.37
CA THR A 240 -15.97 -2.54 -13.62
C THR A 240 -14.68 -2.29 -14.39
N LYS A 241 -13.55 -2.31 -13.68
CA LYS A 241 -12.23 -2.08 -14.31
C LYS A 241 -11.47 -3.35 -14.50
N SER A 242 -10.69 -3.39 -15.58
CA SER A 242 -9.64 -4.42 -15.77
C SER A 242 -8.44 -4.06 -14.87
N PRO A 243 -7.56 -5.05 -14.57
CA PRO A 243 -6.31 -4.75 -13.86
C PRO A 243 -5.52 -3.62 -14.53
N GLU A 244 -5.50 -3.60 -15.86
CA GLU A 244 -4.88 -2.52 -16.62
C GLU A 244 -5.41 -1.15 -16.23
N GLU A 245 -6.74 -1.03 -16.17
CA GLU A 245 -7.37 0.23 -15.80
C GLU A 245 -7.09 0.54 -14.34
N GLY A 246 -7.11 -0.49 -13.51
CA GLY A 246 -6.83 -0.31 -12.07
C GLY A 246 -5.43 0.20 -11.80
N ALA A 247 -4.47 -0.19 -12.65
CA ALA A 247 -3.07 0.26 -12.50
C ALA A 247 -2.81 1.74 -12.80
N GLU A 248 -3.75 2.41 -13.50
CA GLU A 248 -3.50 3.76 -14.04
C GLU A 248 -3.14 4.79 -12.96
N THR A 249 -3.95 4.87 -11.92
CA THR A 249 -3.66 5.84 -10.84
C THR A 249 -2.37 5.51 -10.05
N PRO A 250 -2.19 4.24 -9.60
CA PRO A 250 -0.91 3.93 -8.96
C PRO A 250 0.34 4.22 -9.83
N VAL A 251 0.27 3.92 -11.13
CA VAL A 251 1.41 4.12 -12.03
C VAL A 251 1.64 5.63 -12.22
N TYR A 252 0.55 6.38 -12.39
CA TYR A 252 0.60 7.84 -12.41
C TYR A 252 1.38 8.40 -11.20
N LEU A 253 1.03 7.94 -10.00
CA LEU A 253 1.69 8.41 -8.77
C LEU A 253 3.14 7.96 -8.66
N ALA A 254 3.44 6.78 -9.22
CA ALA A 254 4.80 6.24 -9.19
C ALA A 254 5.74 7.01 -10.11
N LEU A 255 5.19 7.56 -11.19
CA LEU A 255 5.96 8.16 -12.26
C LEU A 255 5.85 9.67 -12.37
N LEU A 256 5.36 10.32 -11.31
CA LEU A 256 5.27 11.79 -11.27
C LEU A 256 6.61 12.38 -11.70
N PRO A 257 6.59 13.36 -12.62
CA PRO A 257 7.84 13.79 -13.22
C PRO A 257 8.75 14.40 -12.16
N PRO A 258 10.07 14.33 -12.38
CA PRO A 258 11.02 14.93 -11.44
C PRO A 258 10.68 16.40 -11.13
N ASP A 259 11.01 16.81 -9.92
CA ASP A 259 10.78 18.18 -9.51
C ASP A 259 9.31 18.57 -9.33
N ALA A 260 8.37 17.70 -9.73
CA ALA A 260 6.93 17.95 -9.53
C ALA A 260 6.70 18.28 -8.07
N GLU A 261 5.80 19.22 -7.79
CA GLU A 261 5.61 19.71 -6.44
C GLU A 261 4.59 18.87 -5.67
N GLY A 262 3.72 18.20 -6.40
CA GLY A 262 2.67 17.37 -5.83
C GLY A 262 2.06 16.43 -6.88
N PRO A 263 1.05 15.65 -6.49
CA PRO A 263 0.52 15.62 -5.12
C PRO A 263 1.50 15.02 -4.13
N HIS A 264 1.34 15.38 -2.86
CA HIS A 264 2.17 14.83 -1.79
C HIS A 264 1.30 14.73 -0.54
N GLY A 265 1.27 13.53 0.03
CA GLY A 265 0.46 13.28 1.23
C GLY A 265 -1.03 13.26 0.99
N GLN A 266 -1.43 13.01 -0.27
CA GLN A 266 -2.83 13.06 -0.66
C GLN A 266 -3.40 11.66 -0.83
N PHE A 267 -4.72 11.58 -0.79
CA PHE A 267 -5.45 10.39 -1.17
C PHE A 267 -6.01 10.65 -2.57
N VAL A 268 -5.57 9.85 -3.52
CA VAL A 268 -5.87 10.08 -4.93
C VAL A 268 -6.75 8.97 -5.51
N SER A 269 -7.83 9.37 -6.18
CA SER A 269 -8.68 8.42 -6.89
C SER A 269 -8.93 8.94 -8.30
N GLU A 270 -8.80 8.06 -9.30
CA GLU A 270 -8.97 8.46 -10.71
C GLU A 270 -8.10 9.67 -11.05
N LYS A 271 -6.85 9.60 -10.60
CA LYS A 271 -5.81 10.65 -10.81
C LYS A 271 -6.14 12.01 -10.18
N ARG A 272 -7.17 12.05 -9.33
CA ARG A 272 -7.63 13.29 -8.70
C ARG A 272 -7.56 13.23 -7.18
N VAL A 273 -7.16 14.35 -6.58
CA VAL A 273 -7.06 14.43 -5.13
C VAL A 273 -8.44 14.53 -4.47
N GLU A 274 -8.70 13.61 -3.54
CA GLU A 274 -9.93 13.57 -2.76
C GLU A 274 -9.73 14.25 -1.41
N GLN A 275 -10.77 14.90 -0.90
CA GLN A 275 -10.73 15.47 0.45
C GLN A 275 -10.76 14.35 1.49
N TRP A 276 -9.84 14.44 2.45
CA TRP A 276 -9.83 13.49 3.56
C TRP A 276 -10.58 14.10 4.74
S SO4 B . 6.86 12.48 14.48
O1 SO4 B . 5.58 11.87 14.10
O2 SO4 B . 7.26 13.51 13.52
O3 SO4 B . 6.76 13.08 15.80
O4 SO4 B . 7.88 11.42 14.51
S SO4 C . 11.23 18.98 -1.44
O1 SO4 C . 11.62 19.64 -0.19
O2 SO4 C . 10.28 19.82 -2.15
O3 SO4 C . 12.40 18.76 -2.28
O4 SO4 C . 10.61 17.68 -1.12
S SO4 D . 16.64 -11.73 -11.48
O1 SO4 D . 15.23 -11.81 -11.11
O2 SO4 D . 16.88 -10.58 -12.34
O3 SO4 D . 17.49 -11.54 -10.31
O4 SO4 D . 17.05 -12.93 -12.19
S SO4 E . -5.31 -11.59 -12.43
O1 SO4 E . -6.06 -11.00 -11.33
O2 SO4 E . -5.57 -10.79 -13.63
O3 SO4 E . -3.88 -11.62 -12.16
O4 SO4 E . -5.77 -12.96 -12.68
S SO4 F . 23.22 7.03 -7.12
O1 SO4 F . 22.15 7.43 -6.22
O2 SO4 F . 22.71 6.13 -8.15
O3 SO4 F . 23.78 8.22 -7.77
O4 SO4 F . 24.26 6.34 -6.37
S SO4 G . -3.77 -21.31 -1.85
O1 SO4 G . -4.48 -22.57 -1.68
O2 SO4 G . -4.20 -20.68 -3.09
O3 SO4 G . -4.08 -20.42 -0.74
O4 SO4 G . -2.33 -21.57 -1.91
C20 AB3 H . -18.88 -3.45 -4.05
C14 AB3 H . -18.72 -2.00 -4.53
C19 AB3 H . -19.47 -1.05 -3.60
C21 AB3 H . -19.22 -1.86 -5.99
N11 AB3 H . -17.24 -1.64 -4.50
N15 AB3 H . -16.38 -2.40 -4.00
C7 AB3 H . -16.69 -0.53 -4.99
N3 AB3 H . -17.19 0.56 -5.62
C6 AB3 H . -16.39 1.56 -6.01
N5 AB3 H . -15.07 1.51 -5.79
C2 AB3 H . -14.50 0.46 -5.18
N1 AB3 H . -13.18 0.51 -5.02
C4 AB3 H . -15.31 -0.61 -4.75
C13 AB3 H . -15.16 -1.85 -4.09
C18 AB3 H . -13.98 -2.46 -3.60
C28 AB3 H . -13.05 -1.76 -2.83
C27 AB3 H . -13.77 -3.83 -3.85
C30 AB3 H . -12.62 -4.49 -3.38
C26 AB3 H . -11.68 -3.77 -2.63
C29 AB3 H . -11.91 -2.42 -2.36
O33 AB3 H . -10.98 -1.73 -1.63
C20 AB3 I . 0.74 1.67 -21.41
C14 AB3 I . 1.61 1.36 -22.62
C19 AB3 I . 3.10 1.49 -22.24
C21 AB3 I . 1.28 2.38 -23.71
N11 AB3 I . 1.28 -0.05 -23.13
N15 AB3 I . 0.38 -0.76 -22.65
C7 AB3 I . 1.89 -0.69 -24.15
N3 AB3 I . 2.90 -0.35 -24.97
C6 AB3 I . 3.32 -1.19 -25.91
N5 AB3 I . 2.77 -2.39 -26.07
C2 AB3 I . 1.74 -2.80 -25.29
N1 AB3 I . 1.24 -4.02 -25.51
C4 AB3 I . 1.27 -1.94 -24.29
C13 AB3 I . 0.28 -1.94 -23.28
C18 AB3 I . -0.63 -2.95 -22.97
C28 AB3 I . -0.67 -3.49 -21.68
C27 AB3 I . -1.57 -3.40 -23.90
C30 AB3 I . -2.51 -4.39 -23.57
C26 AB3 I . -2.52 -4.94 -22.28
C29 AB3 I . -1.61 -4.48 -21.34
O33 AB3 I . -1.62 -5.02 -20.09
PA NAP J . -5.56 -9.73 -5.28
O1A NAP J . -5.88 -10.09 -6.69
O2A NAP J . -6.05 -10.59 -4.20
O5B NAP J . -3.99 -9.52 -5.18
C5B NAP J . -3.41 -9.19 -3.92
C4B NAP J . -1.89 -9.34 -3.98
O4B NAP J . -1.39 -9.04 -2.65
C3B NAP J . -1.47 -10.78 -4.33
O3B NAP J . -0.21 -10.73 -5.04
C2B NAP J . -1.29 -11.36 -2.93
O2B NAP J . -0.42 -12.50 -2.98
C1B NAP J . -0.59 -10.15 -2.26
N9A NAP J . -0.50 -10.35 -0.79
C8A NAP J . -1.51 -10.60 0.08
N7A NAP J . -0.98 -10.75 1.31
C5A NAP J . 0.36 -10.60 1.20
C6A NAP J . 1.43 -10.66 2.09
N6A NAP J . 1.23 -10.91 3.39
N1A NAP J . 2.69 -10.45 1.61
C2A NAP J . 2.93 -10.21 0.32
N3A NAP J . 1.92 -10.16 -0.55
C4A NAP J . 0.64 -10.37 -0.14
O3 NAP J . -6.15 -8.28 -4.94
PN NAP J . -6.10 -6.88 -5.74
O1N NAP J . -7.51 -6.52 -6.03
O2N NAP J . -5.11 -6.91 -6.88
O5D NAP J . -5.57 -5.97 -4.59
C5D NAP J . -4.40 -5.15 -4.67
C4D NAP J . -4.55 -3.91 -3.73
O4D NAP J . -5.65 -3.05 -4.18
C3D NAP J . -4.91 -4.33 -2.29
O3D NAP J . -4.14 -3.54 -1.35
C2D NAP J . -6.40 -4.02 -2.22
O2D NAP J . -6.80 -3.74 -0.89
C1D NAP J . -6.48 -2.74 -3.05
N1N NAP J . -7.77 -2.42 -3.69
C2N NAP J . -8.39 -3.31 -4.58
C3N NAP J . -9.58 -2.95 -5.19
C7N NAP J . -10.29 -3.87 -6.16
O7N NAP J . -9.77 -5.04 -6.61
N7N NAP J . -11.45 -3.44 -6.62
C4N NAP J . -10.14 -1.67 -4.93
C5N NAP J . -9.52 -0.77 -4.06
C6N NAP J . -8.32 -1.15 -3.44
P2B NAP J . -1.08 -13.99 -3.08
O1X NAP J . -2.35 -14.08 -2.29
O2X NAP J . 0.07 -14.92 -2.52
O3X NAP J . -1.26 -14.29 -4.59
N1 GSH K . -16.63 -8.56 6.70
CA1 GSH K . -15.50 -7.97 5.93
C1 GSH K . -14.83 -6.84 6.76
O11 GSH K . -13.62 -6.57 6.51
O12 GSH K . -15.52 -6.29 7.65
CB1 GSH K . -16.01 -7.43 4.59
CG1 GSH K . -14.86 -7.07 3.68
CD1 GSH K . -15.31 -6.69 2.27
OE1 GSH K . -16.05 -5.73 2.09
N2 GSH K . -14.82 -7.47 1.30
CA2 GSH K . -15.10 -7.22 -0.11
C2 GSH K . -15.10 -8.51 -0.91
O2 GSH K . -14.36 -9.43 -0.60
CB2 GSH K . -13.96 -6.38 -0.70
SG2 GSH K . -13.53 -4.88 0.25
N3 GSH K . -15.92 -8.50 -1.95
CA3 GSH K . -16.03 -9.65 -2.88
C3 GSH K . -17.00 -10.76 -2.43
O31 GSH K . -17.48 -10.71 -1.28
O32 GSH K . -17.21 -11.64 -3.29
O22 P33 L . 14.98 4.29 18.23
C21 P33 L . 14.65 5.50 17.52
C20 P33 L . 13.15 5.56 17.24
O19 P33 L . 12.73 6.34 16.08
C18 P33 L . 12.26 5.42 15.03
C17 P33 L . 11.75 6.09 13.74
O16 P33 L . 11.69 5.13 12.61
C15 P33 L . 12.46 5.64 11.51
C14 P33 L . 12.53 4.73 10.27
O13 P33 L . 11.29 4.46 9.51
C12 P33 L . 10.35 5.59 9.46
C11 P33 L . 9.22 5.69 8.38
O10 P33 L . 9.59 6.82 7.48
C9 P33 L . 8.70 7.95 7.42
C8 P33 L . 9.40 9.03 6.60
O7 P33 L . 10.49 9.55 7.40
C6 P33 L . 11.40 10.34 6.62
C5 P33 L . 12.83 10.04 7.08
C12 P33 M . -6.78 8.06 21.80
C11 P33 M . -5.46 7.62 21.20
O10 P33 M . -5.16 8.27 19.95
C9 P33 M . -4.44 9.51 20.13
C8 P33 M . -4.79 10.57 19.09
O7 P33 M . -4.39 11.90 19.55
C6 P33 M . -5.54 12.68 19.97
C5 P33 M . -5.16 14.03 20.53
C1 GOL N . -23.07 -6.74 21.21
O1 GOL N . -23.17 -8.12 20.93
C2 GOL N . -23.51 -5.97 19.98
O2 GOL N . -22.74 -6.36 18.88
C3 GOL N . -23.37 -4.48 20.21
O3 GOL N . -24.43 -3.85 19.54
#